data_7APM
#
_entry.id   7APM
#
_cell.length_a   91.911
_cell.length_b   65.064
_cell.length_c   70.813
_cell.angle_alpha   90.000
_cell.angle_beta   96.288
_cell.angle_gamma   90.000
#
_symmetry.space_group_name_H-M   'C 1 2 1'
#
loop_
_entity.id
_entity.type
_entity.pdbx_description
1 polymer 'Queuine tRNA-ribosyltransferase'
2 non-polymer 'ZINC ION'
3 non-polymer GLYCEROL
4 non-polymer 'CHLORIDE ION'
5 water water
#
_entity_poly.entity_id   1
_entity_poly.type   'polypeptide(L)'
_entity_poly.pdbx_seq_one_letter_code
;GSMVEATAQETDRPRFSFSIAAREGKARTGTIEMKRGVIRTPAFMPVGTAATVKALKPETVRATGADIILGNTYHLMLRP
GAERIAKLGGLHSFMGWDRPILTDSGGYQVMSLSSLTKQSEEGVTFKSHLDGSRHMLSPERSIEIQHLLGSDIVMAFDES
TPYPATPSRAASSMERSMRWAKRSRDAFDSRKEQAENAALFGIQQGSVFENLRQQSADALAEIGFDGYAVGGLAVGEGQD
EMFRVLDFSVPMLPDDKPHYLMGVGKPDDIVGAVERGIDMFDSVLPTRSGRNGQAFTWDGPINIRNARFSEDLKPLDSEC
(R1A)CAVCQKWSRAYIHHLIRAGEILGAMLMTEHNIAFYQQLMQKIRDSISEGRFSQFAQDFRARYFARNS
;
_entity_poly.pdbx_strand_id   A
#
loop_
_chem_comp.id
_chem_comp.type
_chem_comp.name
_chem_comp.formula
CL non-polymer 'CHLORIDE ION' 'Cl -1'
GOL non-polymer GLYCEROL 'C3 H8 O3'
ZN non-polymer 'ZINC ION' 'Zn 2'
#
# COMPACT_ATOMS: atom_id res chain seq x y z
N ARG A 13 17.86 2.63 16.86
CA ARG A 13 16.41 2.69 16.68
C ARG A 13 15.72 1.44 17.25
N PRO A 14 14.49 1.59 17.70
CA PRO A 14 13.72 0.44 18.22
C PRO A 14 13.23 -0.43 17.08
N ARG A 15 12.78 -1.65 17.44
CA ARG A 15 12.08 -2.51 16.48
C ARG A 15 10.89 -1.79 15.88
N PHE A 16 10.08 -1.13 16.72
CA PHE A 16 8.86 -0.47 16.28
C PHE A 16 8.42 0.53 17.33
N SER A 17 8.26 1.79 16.92
CA SER A 17 7.69 2.83 17.77
C SER A 17 6.87 3.78 16.91
N PHE A 18 5.56 3.84 17.16
CA PHE A 18 4.66 4.79 16.49
C PHE A 18 4.35 5.93 17.45
N SER A 19 4.65 7.15 17.05
N SER A 19 4.62 7.16 17.03
N SER A 19 4.66 7.16 17.05
CA SER A 19 4.35 8.33 17.86
CA SER A 19 4.38 8.34 17.82
CA SER A 19 4.38 8.35 17.82
C SER A 19 3.56 9.33 17.03
C SER A 19 3.56 9.35 17.03
C SER A 19 3.52 9.29 16.99
N ILE A 20 2.46 9.81 17.61
CA ILE A 20 1.58 10.79 16.98
C ILE A 20 2.01 12.17 17.47
N ALA A 21 2.41 13.05 16.52
CA ALA A 21 2.89 14.38 16.85
C ALA A 21 1.80 15.44 16.80
N ALA A 22 0.74 15.22 16.01
CA ALA A 22 -0.32 16.20 15.89
C ALA A 22 -1.58 15.57 15.33
N ARG A 23 -2.72 16.19 15.65
N ARG A 23 -2.73 16.18 15.67
CA ARG A 23 -4.03 15.70 15.26
CA ARG A 23 -4.04 15.68 15.29
C ARG A 23 -4.90 16.84 14.77
C ARG A 23 -4.97 16.81 14.87
N GLU A 24 -5.89 16.49 13.96
CA GLU A 24 -6.96 17.42 13.57
C GLU A 24 -8.17 16.56 13.26
N GLY A 25 -9.21 16.63 14.07
CA GLY A 25 -10.30 15.70 13.90
C GLY A 25 -9.81 14.27 14.06
N LYS A 26 -10.17 13.41 13.10
CA LYS A 26 -9.71 12.03 13.09
C LYS A 26 -8.32 11.87 12.46
N ALA A 27 -7.80 12.90 11.80
CA ALA A 27 -6.51 12.80 11.12
C ALA A 27 -5.35 12.92 12.11
N ARG A 28 -4.28 12.19 11.82
CA ARG A 28 -3.07 12.21 12.63
C ARG A 28 -1.84 12.34 11.73
N THR A 29 -0.79 12.92 12.28
CA THR A 29 0.52 12.91 11.64
C THR A 29 1.57 12.56 12.68
N GLY A 30 2.57 11.78 12.25
CA GLY A 30 3.60 11.32 13.16
C GLY A 30 4.66 10.50 12.48
N THR A 31 5.25 9.56 13.23
CA THR A 31 6.38 8.79 12.75
C THR A 31 6.32 7.37 13.29
N ILE A 32 6.76 6.44 12.45
CA ILE A 32 7.07 5.08 12.85
C ILE A 32 8.58 4.94 12.76
N GLU A 33 9.21 4.65 13.89
N GLU A 33 9.22 4.63 13.89
CA GLU A 33 10.63 4.30 13.94
CA GLU A 33 10.64 4.33 13.93
C GLU A 33 10.80 2.80 13.87
C GLU A 33 10.85 2.82 13.91
N MET A 34 11.67 2.34 12.97
CA MET A 34 12.05 0.94 12.85
C MET A 34 13.56 0.88 12.68
N LYS A 35 14.11 -0.34 12.73
CA LYS A 35 15.57 -0.46 12.69
C LYS A 35 16.15 0.09 11.39
N ARG A 36 15.46 -0.11 10.27
CA ARG A 36 16.00 0.35 8.99
C ARG A 36 15.64 1.78 8.63
N GLY A 37 14.84 2.47 9.44
CA GLY A 37 14.55 3.86 9.14
C GLY A 37 13.29 4.38 9.78
N VAL A 38 13.07 5.68 9.60
CA VAL A 38 11.88 6.36 10.08
C VAL A 38 10.90 6.52 8.92
N ILE A 39 9.63 6.24 9.21
CA ILE A 39 8.51 6.39 8.28
C ILE A 39 7.64 7.56 8.76
N ARG A 40 7.49 8.57 7.92
CA ARG A 40 6.61 9.69 8.21
C ARG A 40 5.18 9.37 7.82
N THR A 41 4.22 9.67 8.71
CA THR A 41 2.84 9.34 8.46
C THR A 41 1.99 10.60 8.51
N PRO A 42 0.93 10.70 7.70
CA PRO A 42 0.51 9.65 6.75
C PRO A 42 1.54 9.38 5.63
N ALA A 43 1.67 8.08 5.30
CA ALA A 43 2.70 7.56 4.41
C ALA A 43 2.07 6.95 3.16
N PHE A 44 2.72 7.14 2.01
CA PHE A 44 2.40 6.39 0.81
C PHE A 44 3.58 5.49 0.44
N MET A 45 3.28 4.21 0.20
CA MET A 45 4.26 3.21 -0.15
C MET A 45 4.18 2.90 -1.63
N PRO A 46 5.19 3.24 -2.42
CA PRO A 46 5.28 2.69 -3.79
C PRO A 46 5.34 1.17 -3.75
N VAL A 47 4.77 0.54 -4.79
CA VAL A 47 4.66 -0.91 -4.86
C VAL A 47 5.81 -1.48 -5.67
N GLY A 48 6.57 -2.41 -5.05
CA GLY A 48 7.73 -3.03 -5.65
C GLY A 48 7.58 -4.48 -6.11
N THR A 49 6.38 -4.81 -6.55
CA THR A 49 5.95 -6.09 -7.12
C THR A 49 6.95 -7.22 -6.93
N ALA A 50 7.75 -7.53 -7.95
CA ALA A 50 8.72 -8.62 -7.87
C ALA A 50 10.14 -8.05 -7.78
N ALA A 51 10.41 -7.41 -6.64
CA ALA A 51 11.72 -6.89 -6.28
C ALA A 51 12.15 -5.75 -7.21
N THR A 52 11.19 -5.01 -7.74
CA THR A 52 11.50 -3.73 -8.38
C THR A 52 10.26 -2.86 -8.35
N VAL A 53 10.44 -1.58 -7.98
CA VAL A 53 9.43 -0.57 -8.25
C VAL A 53 9.57 -0.27 -9.75
N LYS A 54 8.56 -0.67 -10.54
CA LYS A 54 8.79 -0.80 -11.99
C LYS A 54 9.30 0.50 -12.60
N ALA A 55 10.40 0.38 -13.34
CA ALA A 55 11.03 1.42 -14.15
C ALA A 55 11.81 2.42 -13.32
N LEU A 56 12.06 2.17 -12.02
CA LEU A 56 12.84 3.08 -11.18
C LEU A 56 13.97 2.36 -10.47
N LYS A 57 15.16 2.94 -10.47
CA LYS A 57 16.18 2.54 -9.51
C LYS A 57 15.73 2.88 -8.09
N PRO A 58 16.14 2.10 -7.10
CA PRO A 58 15.76 2.43 -5.70
C PRO A 58 16.22 3.82 -5.27
N GLU A 59 17.37 4.30 -5.78
CA GLU A 59 17.80 5.64 -5.40
C GLU A 59 16.81 6.68 -5.91
N THR A 60 16.15 6.40 -7.03
CA THR A 60 15.16 7.34 -7.56
C THR A 60 13.89 7.30 -6.72
N VAL A 61 13.46 6.11 -6.32
CA VAL A 61 12.33 5.98 -5.39
C VAL A 61 12.60 6.79 -4.13
N ARG A 62 13.81 6.66 -3.58
CA ARG A 62 14.12 7.42 -2.37
C ARG A 62 14.12 8.91 -2.65
N ALA A 63 14.70 9.32 -3.79
CA ALA A 63 14.79 10.74 -4.11
C ALA A 63 13.42 11.41 -4.20
N THR A 64 12.37 10.66 -4.57
CA THR A 64 11.03 11.24 -4.62
C THR A 64 10.43 11.48 -3.25
N GLY A 65 11.01 10.88 -2.21
CA GLY A 65 10.55 11.09 -0.85
C GLY A 65 10.00 9.86 -0.18
N ALA A 66 10.01 8.70 -0.84
CA ALA A 66 9.46 7.51 -0.20
C ALA A 66 10.35 7.06 0.95
N ASP A 67 9.71 6.71 2.08
CA ASP A 67 10.38 6.18 3.27
C ASP A 67 10.34 4.66 3.38
N ILE A 68 9.41 4.03 2.65
CA ILE A 68 9.14 2.59 2.74
C ILE A 68 8.47 2.20 1.44
N ILE A 69 8.74 0.97 1.00
CA ILE A 69 8.09 0.41 -0.18
C ILE A 69 7.42 -0.91 0.20
N LEU A 70 6.52 -1.37 -0.67
CA LEU A 70 5.80 -2.63 -0.48
C LEU A 70 6.36 -3.69 -1.42
N GLY A 71 6.44 -4.94 -0.96
CA GLY A 71 6.76 -6.08 -1.82
C GLY A 71 5.60 -7.07 -1.86
N ASN A 72 5.34 -7.64 -3.05
CA ASN A 72 4.25 -8.59 -3.23
C ASN A 72 4.74 -10.03 -3.02
N THR A 73 4.37 -10.64 -1.90
CA THR A 73 4.82 -11.99 -1.56
C THR A 73 4.42 -13.02 -2.62
N TYR A 74 3.22 -12.90 -3.17
CA TYR A 74 2.77 -13.86 -4.19
C TYR A 74 3.72 -13.85 -5.38
N HIS A 75 4.05 -12.66 -5.87
CA HIS A 75 4.92 -12.61 -7.03
C HIS A 75 6.32 -13.09 -6.69
N LEU A 76 6.86 -12.66 -5.53
CA LEU A 76 8.21 -13.02 -5.16
C LEU A 76 8.36 -14.52 -4.93
N MET A 77 7.33 -15.15 -4.38
CA MET A 77 7.46 -16.58 -4.13
C MET A 77 7.46 -17.37 -5.44
N LEU A 78 6.86 -16.82 -6.49
CA LEU A 78 6.88 -17.49 -7.79
C LEU A 78 8.17 -17.20 -8.56
N ARG A 79 8.67 -15.98 -8.48
CA ARG A 79 9.85 -15.57 -9.24
C ARG A 79 10.45 -14.37 -8.52
N PRO A 80 11.68 -14.46 -7.99
CA PRO A 80 12.70 -15.51 -8.18
C PRO A 80 12.63 -16.68 -7.20
N GLY A 81 11.74 -16.60 -6.22
CA GLY A 81 11.59 -17.61 -5.17
C GLY A 81 12.07 -17.08 -3.83
N ALA A 82 11.36 -17.46 -2.77
CA ALA A 82 11.65 -16.92 -1.44
C ALA A 82 12.95 -17.49 -0.88
N GLU A 83 13.15 -18.79 -1.02
CA GLU A 83 14.38 -19.40 -0.52
C GLU A 83 15.59 -18.89 -1.29
N ARG A 84 15.45 -18.68 -2.60
CA ARG A 84 16.53 -18.12 -3.39
C ARG A 84 16.89 -16.71 -2.89
N ILE A 85 15.89 -15.87 -2.64
CA ILE A 85 16.20 -14.53 -2.16
C ILE A 85 16.91 -14.61 -0.80
N ALA A 86 16.49 -15.55 0.05
CA ALA A 86 17.17 -15.66 1.35
C ALA A 86 18.63 -16.08 1.16
N LYS A 87 18.86 -17.05 0.26
CA LYS A 87 20.21 -17.51 -0.03
C LYS A 87 21.09 -16.35 -0.50
N LEU A 88 20.50 -15.41 -1.23
CA LEU A 88 21.22 -14.29 -1.81
C LEU A 88 21.34 -13.10 -0.85
N GLY A 89 20.81 -13.21 0.35
CA GLY A 89 20.99 -12.19 1.36
C GLY A 89 19.75 -11.41 1.74
N GLY A 90 18.58 -11.75 1.19
CA GLY A 90 17.36 -11.06 1.53
C GLY A 90 16.96 -10.02 0.49
N LEU A 91 15.71 -9.59 0.58
CA LEU A 91 15.15 -8.70 -0.45
C LEU A 91 15.88 -7.36 -0.49
N HIS A 92 16.23 -6.80 0.67
CA HIS A 92 16.87 -5.48 0.68
C HIS A 92 18.17 -5.50 -0.11
N SER A 93 19.01 -6.49 0.15
CA SER A 93 20.30 -6.60 -0.52
C SER A 93 20.12 -6.89 -2.01
N PHE A 94 19.21 -7.83 -2.30
CA PHE A 94 18.93 -8.28 -3.68
C PHE A 94 18.59 -7.09 -4.59
N MET A 95 17.60 -6.28 -4.20
CA MET A 95 17.14 -5.19 -5.04
C MET A 95 17.80 -3.84 -4.75
N GLY A 96 18.55 -3.71 -3.66
CA GLY A 96 19.26 -2.48 -3.40
C GLY A 96 18.47 -1.36 -2.72
N TRP A 97 17.46 -1.71 -1.92
CA TRP A 97 16.69 -0.78 -1.09
C TRP A 97 16.98 -1.13 0.36
N ASP A 98 17.60 -0.19 1.10
CA ASP A 98 18.05 -0.49 2.47
C ASP A 98 17.14 0.06 3.56
N ARG A 99 16.00 0.67 3.20
CA ARG A 99 15.05 1.21 4.15
C ARG A 99 13.93 0.20 4.41
N PRO A 100 12.93 0.51 5.25
CA PRO A 100 11.91 -0.49 5.54
C PRO A 100 11.18 -0.98 4.29
N ILE A 101 10.75 -2.24 4.34
CA ILE A 101 9.91 -2.86 3.34
C ILE A 101 8.72 -3.50 4.05
N LEU A 102 7.51 -3.23 3.58
CA LEU A 102 6.31 -3.93 4.01
C LEU A 102 5.98 -5.00 2.96
N THR A 103 5.68 -6.24 3.40
CA THR A 103 5.27 -7.30 2.49
C THR A 103 3.81 -7.67 2.76
N ASP A 104 3.01 -7.81 1.71
CA ASP A 104 1.68 -8.35 1.92
C ASP A 104 1.80 -9.86 2.16
N SER A 105 0.68 -10.51 2.46
CA SER A 105 0.73 -11.92 2.82
C SER A 105 0.74 -12.85 1.62
N GLY A 106 0.40 -12.34 0.44
CA GLY A 106 0.23 -13.13 -0.76
C GLY A 106 -1.17 -13.65 -0.98
N GLY A 107 -2.04 -13.60 0.03
CA GLY A 107 -3.33 -14.26 -0.10
C GLY A 107 -4.26 -13.61 -1.09
N TYR A 108 -4.20 -12.28 -1.22
CA TYR A 108 -5.13 -11.61 -2.11
C TYR A 108 -4.81 -11.95 -3.57
N GLN A 109 -3.53 -11.97 -3.93
CA GLN A 109 -3.17 -12.29 -5.31
C GLN A 109 -3.40 -13.76 -5.64
N VAL A 110 -3.31 -14.67 -4.65
CA VAL A 110 -3.72 -16.04 -4.93
C VAL A 110 -5.16 -16.03 -5.44
N MET A 111 -6.03 -15.29 -4.75
CA MET A 111 -7.43 -15.23 -5.15
C MET A 111 -7.58 -14.58 -6.52
N SER A 112 -6.85 -13.50 -6.78
CA SER A 112 -7.14 -12.72 -7.98
C SER A 112 -6.33 -13.15 -9.20
N LEU A 113 -5.17 -13.80 -9.03
CA LEU A 113 -4.28 -14.07 -10.17
C LEU A 113 -3.99 -15.55 -10.43
N SER A 114 -4.12 -16.44 -9.45
CA SER A 114 -3.70 -17.83 -9.64
C SER A 114 -4.88 -18.67 -10.12
N SER A 115 -4.61 -19.93 -10.44
CA SER A 115 -5.61 -20.87 -10.94
C SER A 115 -5.71 -22.10 -10.04
N LEU A 116 -6.70 -22.94 -10.32
CA LEU A 116 -6.78 -24.28 -9.71
C LEU A 116 -6.71 -24.20 -8.18
N THR A 117 -7.25 -23.14 -7.60
CA THR A 117 -7.09 -22.95 -6.17
C THR A 117 -7.97 -23.92 -5.40
N LYS A 118 -7.44 -24.43 -4.29
CA LYS A 118 -8.20 -25.25 -3.35
C LYS A 118 -8.03 -24.62 -1.98
N GLN A 119 -9.12 -24.15 -1.40
CA GLN A 119 -9.11 -23.46 -0.12
C GLN A 119 -9.60 -24.37 1.00
N SER A 120 -9.06 -24.14 2.19
CA SER A 120 -9.49 -24.89 3.37
C SER A 120 -9.11 -24.11 4.61
N GLU A 121 -9.58 -24.61 5.76
CA GLU A 121 -9.22 -24.00 7.03
C GLU A 121 -7.71 -23.97 7.26
N GLU A 122 -6.95 -24.87 6.61
CA GLU A 122 -5.50 -24.87 6.81
C GLU A 122 -4.79 -23.83 5.95
N GLY A 123 -5.33 -23.50 4.79
CA GLY A 123 -4.65 -22.56 3.89
C GLY A 123 -5.18 -22.74 2.48
N VAL A 124 -4.30 -22.52 1.50
CA VAL A 124 -4.70 -22.64 0.11
C VAL A 124 -3.58 -23.22 -0.73
N THR A 125 -3.92 -24.11 -1.67
CA THR A 125 -3.01 -24.54 -2.70
C THR A 125 -3.48 -23.97 -4.04
N PHE A 126 -2.52 -23.71 -4.93
CA PHE A 126 -2.85 -22.99 -6.16
C PHE A 126 -1.79 -23.25 -7.21
N LYS A 127 -2.15 -22.99 -8.45
CA LYS A 127 -1.27 -23.16 -9.60
C LYS A 127 -0.71 -21.81 -10.01
N SER A 128 0.60 -21.73 -10.21
CA SER A 128 1.23 -20.50 -10.67
C SER A 128 0.60 -20.03 -11.98
N HIS A 129 0.40 -18.72 -12.10
CA HIS A 129 -0.08 -18.17 -13.36
C HIS A 129 1.02 -18.07 -14.40
N LEU A 130 2.28 -18.31 -14.02
CA LEU A 130 3.40 -18.22 -14.96
C LEU A 130 3.70 -19.55 -15.65
N ASP A 131 3.52 -20.68 -14.96
CA ASP A 131 3.96 -21.95 -15.50
C ASP A 131 3.22 -23.15 -14.94
N GLY A 132 2.14 -22.92 -14.19
CA GLY A 132 1.34 -24.03 -13.72
C GLY A 132 1.93 -24.85 -12.59
N SER A 133 3.13 -24.51 -12.12
CA SER A 133 3.68 -25.16 -10.94
C SER A 133 2.77 -24.95 -9.73
N ARG A 134 2.70 -25.95 -8.86
CA ARG A 134 1.82 -25.93 -7.70
C ARG A 134 2.51 -25.32 -6.48
N HIS A 135 1.74 -24.51 -5.74
CA HIS A 135 2.25 -23.83 -4.56
C HIS A 135 1.22 -23.85 -3.45
N MET A 136 1.67 -23.45 -2.26
CA MET A 136 0.85 -23.46 -1.06
C MET A 136 1.11 -22.20 -0.25
N LEU A 137 0.04 -21.68 0.34
CA LEU A 137 0.14 -20.62 1.32
C LEU A 137 -0.75 -20.96 2.49
N SER A 138 -0.33 -20.50 3.66
CA SER A 138 -1.03 -20.70 4.92
C SER A 138 -0.57 -19.60 5.85
N PRO A 139 -1.24 -19.41 6.99
CA PRO A 139 -0.69 -18.45 7.96
C PRO A 139 0.78 -18.73 8.26
N GLU A 140 1.14 -19.99 8.49
CA GLU A 140 2.51 -20.30 8.87
C GLU A 140 3.48 -20.10 7.71
N ARG A 141 3.09 -20.55 6.51
CA ARG A 141 3.98 -20.47 5.34
C ARG A 141 4.11 -19.04 4.85
N SER A 142 3.04 -18.25 4.96
CA SER A 142 3.14 -16.84 4.57
C SER A 142 4.10 -16.09 5.47
N ILE A 143 3.94 -16.25 6.79
CA ILE A 143 4.87 -15.61 7.71
C ILE A 143 6.30 -16.04 7.45
N GLU A 144 6.49 -17.35 7.15
CA GLU A 144 7.82 -17.86 6.88
C GLU A 144 8.42 -17.26 5.61
N ILE A 145 7.64 -17.16 4.54
CA ILE A 145 8.15 -16.53 3.32
C ILE A 145 8.51 -15.07 3.59
N GLN A 146 7.68 -14.37 4.35
CA GLN A 146 7.99 -12.97 4.64
C GLN A 146 9.25 -12.86 5.49
N HIS A 147 9.52 -13.86 6.33
CA HIS A 147 10.80 -13.91 7.05
C HIS A 147 11.98 -14.13 6.10
N LEU A 148 11.82 -15.10 5.17
CA LEU A 148 12.88 -15.40 4.21
C LEU A 148 13.25 -14.16 3.39
N LEU A 149 12.25 -13.37 3.02
CA LEU A 149 12.49 -12.14 2.29
C LEU A 149 13.18 -11.09 3.14
N GLY A 150 13.03 -11.17 4.46
CA GLY A 150 13.58 -10.16 5.36
C GLY A 150 12.72 -8.92 5.52
N SER A 151 11.41 -9.08 5.38
CA SER A 151 10.45 -7.98 5.49
C SER A 151 10.50 -7.33 6.87
N ASP A 152 10.35 -5.98 6.89
CA ASP A 152 10.30 -5.24 8.14
C ASP A 152 8.90 -5.18 8.74
N ILE A 153 7.87 -5.03 7.91
CA ILE A 153 6.47 -5.09 8.34
C ILE A 153 5.80 -6.27 7.61
N VAL A 154 5.32 -7.21 8.41
CA VAL A 154 4.74 -8.47 7.97
C VAL A 154 3.22 -8.38 8.11
N MET A 155 2.48 -8.71 7.05
CA MET A 155 1.01 -8.74 7.11
C MET A 155 0.54 -10.15 7.48
N ALA A 156 -0.39 -10.23 8.44
CA ALA A 156 -1.05 -11.48 8.74
C ALA A 156 -1.74 -12.01 7.48
N PHE A 157 -1.83 -13.34 7.39
CA PHE A 157 -2.50 -14.03 6.29
C PHE A 157 -3.99 -14.15 6.60
N ASP A 158 -4.84 -13.65 5.70
CA ASP A 158 -6.28 -13.65 5.92
C ASP A 158 -6.98 -14.24 4.70
N GLU A 159 -8.30 -14.29 4.78
CA GLU A 159 -9.13 -14.78 3.68
C GLU A 159 -9.95 -13.62 3.14
N SER A 160 -9.76 -13.31 1.86
CA SER A 160 -10.44 -12.19 1.24
C SER A 160 -11.94 -12.48 1.09
N THR A 161 -12.74 -11.43 1.18
CA THR A 161 -14.20 -11.51 1.03
C THR A 161 -14.61 -10.67 -0.18
N PRO A 162 -15.04 -11.29 -1.28
CA PRO A 162 -15.42 -10.51 -2.48
C PRO A 162 -16.52 -9.48 -2.23
N TYR A 163 -16.52 -8.41 -3.09
CA TYR A 163 -17.60 -7.42 -3.07
C TYR A 163 -18.51 -7.66 -4.26
N PRO A 164 -19.83 -7.81 -4.06
CA PRO A 164 -20.51 -7.74 -2.77
C PRO A 164 -20.54 -9.11 -2.09
N ALA A 165 -20.68 -9.13 -0.78
CA ALA A 165 -20.75 -10.37 -0.01
C ALA A 165 -21.99 -10.36 0.84
N THR A 166 -22.62 -11.53 0.97
CA THR A 166 -23.76 -11.65 1.85
C THR A 166 -23.30 -11.54 3.31
N PRO A 167 -24.21 -11.19 4.20
CA PRO A 167 -23.86 -11.19 5.64
C PRO A 167 -23.27 -12.51 6.12
N SER A 168 -23.80 -13.64 5.64
CA SER A 168 -23.30 -14.92 6.12
C SER A 168 -21.87 -15.18 5.63
N ARG A 169 -21.61 -14.91 4.34
CA ARG A 169 -20.28 -15.14 3.81
C ARG A 169 -19.27 -14.18 4.41
N ALA A 170 -19.68 -12.91 4.61
CA ALA A 170 -18.79 -11.94 5.23
C ALA A 170 -18.41 -12.38 6.63
N ALA A 171 -19.37 -12.91 7.39
CA ALA A 171 -19.11 -13.34 8.75
C ALA A 171 -18.16 -14.54 8.75
N SER A 172 -18.43 -15.52 7.89
CA SER A 172 -17.61 -16.73 7.83
C SER A 172 -16.18 -16.42 7.47
N SER A 173 -15.97 -15.54 6.48
N SER A 173 -16.00 -15.53 6.49
CA SER A 173 -14.60 -15.18 6.11
CA SER A 173 -14.67 -15.12 6.07
C SER A 173 -13.94 -14.31 7.17
C SER A 173 -13.97 -14.32 7.16
N MET A 174 -14.70 -13.42 7.81
CA MET A 174 -14.11 -12.65 8.89
C MET A 174 -13.69 -13.56 10.04
N GLU A 175 -14.54 -14.53 10.39
CA GLU A 175 -14.21 -15.43 11.49
C GLU A 175 -12.97 -16.26 11.18
N ARG A 176 -12.90 -16.79 9.96
CA ARG A 176 -11.70 -17.53 9.56
C ARG A 176 -10.48 -16.60 9.61
N SER A 177 -10.63 -15.39 9.11
CA SER A 177 -9.51 -14.45 9.11
C SER A 177 -9.00 -14.20 10.51
N MET A 178 -9.90 -14.16 11.49
CA MET A 178 -9.46 -13.92 12.87
C MET A 178 -8.75 -15.14 13.42
N ARG A 179 -9.23 -16.35 13.10
CA ARG A 179 -8.47 -17.55 13.47
C ARG A 179 -7.09 -17.54 12.83
N TRP A 180 -7.03 -17.14 11.55
CA TRP A 180 -5.74 -17.08 10.86
C TRP A 180 -4.85 -15.95 11.41
N ALA A 181 -5.46 -14.90 11.97
CA ALA A 181 -4.67 -13.82 12.57
C ALA A 181 -3.94 -14.32 13.82
N LYS A 182 -4.61 -15.11 14.66
CA LYS A 182 -3.94 -15.75 15.79
C LYS A 182 -2.83 -16.69 15.34
N ARG A 183 -3.09 -17.50 14.30
CA ARG A 183 -2.03 -18.38 13.82
C ARG A 183 -0.85 -17.57 13.28
N SER A 184 -1.12 -16.45 12.61
CA SER A 184 -0.04 -15.60 12.09
C SER A 184 0.79 -15.01 13.23
N ARG A 185 0.09 -14.54 14.27
CA ARG A 185 0.75 -13.99 15.46
C ARG A 185 1.68 -15.02 16.08
N ASP A 186 1.19 -16.24 16.26
CA ASP A 186 1.97 -17.28 16.92
C ASP A 186 3.16 -17.70 16.08
N ALA A 187 2.98 -17.79 14.75
CA ALA A 187 4.09 -18.15 13.87
C ALA A 187 5.19 -17.10 13.92
N PHE A 188 4.79 -15.83 13.86
CA PHE A 188 5.74 -14.71 13.91
C PHE A 188 6.51 -14.71 15.22
N ASP A 189 5.80 -14.91 16.33
CA ASP A 189 6.42 -14.87 17.65
C ASP A 189 7.37 -16.02 17.90
N SER A 190 7.15 -17.17 17.25
N SER A 190 7.16 -17.18 17.25
CA SER A 190 8.01 -18.34 17.45
CA SER A 190 8.02 -18.34 17.45
C SER A 190 9.36 -18.23 16.75
C SER A 190 9.37 -18.22 16.76
N ARG A 191 9.56 -17.24 15.90
CA ARG A 191 10.78 -17.08 15.14
C ARG A 191 11.54 -15.88 15.72
N LYS A 192 12.57 -16.17 16.52
CA LYS A 192 13.19 -15.16 17.37
C LYS A 192 13.68 -13.96 16.56
N GLU A 193 14.42 -14.24 15.48
CA GLU A 193 14.97 -13.14 14.69
C GLU A 193 13.86 -12.26 14.11
N GLN A 194 12.74 -12.86 13.69
CA GLN A 194 11.64 -12.10 13.13
C GLN A 194 10.93 -11.28 14.21
N ALA A 195 10.61 -11.93 15.35
CA ALA A 195 9.90 -11.24 16.42
C ALA A 195 10.69 -10.06 16.97
N GLU A 196 12.02 -10.16 16.99
CA GLU A 196 12.86 -9.13 17.60
C GLU A 196 13.18 -7.98 16.65
N ASN A 197 13.03 -8.16 15.32
CA ASN A 197 13.48 -7.15 14.37
C ASN A 197 12.41 -6.63 13.42
N ALA A 198 11.30 -7.35 13.26
CA ALA A 198 10.20 -6.97 12.38
C ALA A 198 8.96 -6.66 13.20
N ALA A 199 7.95 -6.12 12.52
CA ALA A 199 6.64 -5.83 13.09
C ALA A 199 5.57 -6.62 12.33
N LEU A 200 4.43 -6.84 13.00
CA LEU A 200 3.34 -7.64 12.48
C LEU A 200 2.05 -6.83 12.53
N PHE A 201 1.36 -6.71 11.39
CA PHE A 201 0.08 -6.01 11.32
C PHE A 201 -1.06 -7.00 11.13
N GLY A 202 -2.20 -6.73 11.78
CA GLY A 202 -3.39 -7.52 11.57
C GLY A 202 -4.37 -6.82 10.64
N ILE A 203 -5.32 -7.57 10.08
CA ILE A 203 -6.24 -7.01 9.07
C ILE A 203 -7.68 -7.16 9.53
N GLN A 204 -8.37 -6.03 9.68
CA GLN A 204 -9.79 -6.07 9.97
C GLN A 204 -10.59 -6.48 8.75
N GLN A 205 -11.55 -7.38 8.93
CA GLN A 205 -12.48 -7.79 7.88
C GLN A 205 -13.92 -7.48 8.33
N GLY A 206 -14.90 -7.95 7.56
CA GLY A 206 -16.30 -7.71 7.87
C GLY A 206 -17.13 -6.98 6.83
N SER A 207 -16.56 -6.73 5.66
CA SER A 207 -17.33 -6.18 4.53
C SER A 207 -17.94 -4.85 4.97
N VAL A 208 -19.18 -4.56 4.61
CA VAL A 208 -19.82 -3.28 4.92
C VAL A 208 -20.63 -3.33 6.21
N PHE A 209 -20.51 -4.40 6.99
CA PHE A 209 -21.39 -4.64 8.12
C PHE A 209 -20.74 -4.18 9.43
N GLU A 210 -21.36 -3.20 10.07
CA GLU A 210 -20.77 -2.56 11.25
C GLU A 210 -20.51 -3.58 12.36
N ASN A 211 -21.46 -4.47 12.63
CA ASN A 211 -21.27 -5.42 13.73
C ASN A 211 -20.12 -6.38 13.47
N LEU A 212 -19.93 -6.82 12.21
CA LEU A 212 -18.80 -7.69 11.90
C LEU A 212 -17.48 -6.95 12.03
N ARG A 213 -17.44 -5.70 11.59
CA ARG A 213 -16.23 -4.89 11.73
C ARG A 213 -15.85 -4.73 13.19
N GLN A 214 -16.85 -4.58 14.05
CA GLN A 214 -16.60 -4.46 15.49
C GLN A 214 -16.05 -5.76 16.06
N GLN A 215 -16.70 -6.89 15.77
CA GLN A 215 -16.17 -8.19 16.23
C GLN A 215 -14.74 -8.40 15.77
N SER A 216 -14.45 -8.04 14.52
CA SER A 216 -13.11 -8.19 13.98
C SER A 216 -12.12 -7.29 14.71
N ALA A 217 -12.48 -6.02 14.92
CA ALA A 217 -11.59 -5.12 15.64
C ALA A 217 -11.31 -5.64 17.04
N ASP A 218 -12.35 -6.11 17.74
CA ASP A 218 -12.18 -6.62 19.09
C ASP A 218 -11.25 -7.83 19.10
N ALA A 219 -11.41 -8.74 18.13
CA ALA A 219 -10.58 -9.94 18.08
C ALA A 219 -9.12 -9.60 17.84
N LEU A 220 -8.87 -8.67 16.90
CA LEU A 220 -7.49 -8.31 16.56
C LEU A 220 -6.81 -7.62 17.74
N ALA A 221 -7.55 -6.75 18.42
CA ALA A 221 -6.97 -6.03 19.56
C ALA A 221 -6.69 -6.98 20.72
N GLU A 222 -7.53 -8.01 20.90
CA GLU A 222 -7.27 -9.00 21.94
C GLU A 222 -6.00 -9.78 21.64
N ILE A 223 -5.74 -10.08 20.37
CA ILE A 223 -4.51 -10.77 20.00
C ILE A 223 -3.33 -9.83 20.18
N GLY A 224 -3.47 -8.61 19.69
CA GLY A 224 -2.45 -7.57 19.76
C GLY A 224 -1.54 -7.58 18.55
N PHE A 225 -1.49 -6.46 17.84
CA PHE A 225 -0.62 -6.26 16.69
C PHE A 225 0.08 -4.91 16.79
N ASP A 226 1.08 -4.73 15.94
CA ASP A 226 1.81 -3.47 15.87
C ASP A 226 1.07 -2.43 15.05
N GLY A 227 0.14 -2.86 14.21
CA GLY A 227 -0.66 -1.96 13.41
C GLY A 227 -1.83 -2.73 12.88
N TYR A 228 -2.79 -1.99 12.35
CA TYR A 228 -4.08 -2.57 11.96
C TYR A 228 -4.47 -2.05 10.58
N ALA A 229 -4.69 -2.98 9.65
CA ALA A 229 -5.20 -2.61 8.34
C ALA A 229 -6.71 -2.73 8.31
N VAL A 230 -7.34 -1.87 7.51
CA VAL A 230 -8.75 -2.04 7.18
C VAL A 230 -8.79 -2.81 5.86
N GLY A 231 -9.16 -4.09 5.94
CA GLY A 231 -9.21 -4.92 4.76
C GLY A 231 -10.56 -4.90 4.09
N GLY A 232 -10.61 -5.48 2.89
CA GLY A 232 -11.87 -5.71 2.23
C GLY A 232 -12.45 -4.51 1.52
N LEU A 233 -11.67 -3.45 1.32
CA LEU A 233 -12.12 -2.27 0.63
C LEU A 233 -11.29 -2.07 -0.63
N ALA A 234 -11.70 -1.10 -1.45
CA ALA A 234 -11.05 -0.87 -2.73
C ALA A 234 -11.16 -2.09 -3.65
N VAL A 235 -12.30 -2.79 -3.58
CA VAL A 235 -12.51 -4.01 -4.35
C VAL A 235 -13.79 -3.94 -5.18
N GLY A 236 -14.28 -2.74 -5.45
CA GLY A 236 -15.40 -2.58 -6.35
C GLY A 236 -16.52 -1.72 -5.81
N GLU A 237 -16.42 -1.29 -4.54
N GLU A 237 -16.51 -1.48 -4.49
CA GLU A 237 -17.57 -0.69 -3.85
CA GLU A 237 -17.41 -0.49 -3.94
C GLU A 237 -17.82 0.79 -4.17
C GLU A 237 -16.93 0.88 -4.38
N GLY A 238 -16.83 1.52 -4.67
N GLY A 238 -17.87 1.80 -4.47
CA GLY A 238 -17.02 2.95 -4.93
CA GLY A 238 -17.52 3.16 -4.84
C GLY A 238 -16.68 3.81 -3.72
C GLY A 238 -16.93 3.92 -3.67
N GLN A 239 -16.34 5.07 -3.99
CA GLN A 239 -15.76 5.90 -2.93
C GLN A 239 -16.76 6.22 -1.82
N ASP A 240 -18.02 6.52 -2.18
CA ASP A 240 -19.01 6.82 -1.15
C ASP A 240 -19.11 5.70 -0.14
N GLU A 241 -19.23 4.45 -0.62
CA GLU A 241 -19.37 3.32 0.28
C GLU A 241 -18.10 3.08 1.08
N MET A 242 -16.96 3.19 0.41
CA MET A 242 -15.69 3.04 1.13
C MET A 242 -15.59 4.03 2.29
N PHE A 243 -15.91 5.30 2.02
CA PHE A 243 -15.85 6.32 3.06
C PHE A 243 -16.84 6.03 4.18
N ARG A 244 -18.04 5.57 3.83
CA ARG A 244 -19.04 5.21 4.84
C ARG A 244 -18.55 4.08 5.75
N VAL A 245 -17.92 3.05 5.17
CA VAL A 245 -17.37 1.97 5.99
C VAL A 245 -16.21 2.47 6.86
N LEU A 246 -15.32 3.30 6.31
CA LEU A 246 -14.23 3.85 7.13
C LEU A 246 -14.79 4.68 8.27
N ASP A 247 -15.89 5.40 8.04
CA ASP A 247 -16.46 6.28 9.07
C ASP A 247 -16.64 5.52 10.38
N PHE A 248 -17.20 4.30 10.32
CA PHE A 248 -17.42 3.55 11.56
C PHE A 248 -16.34 2.52 11.84
N SER A 249 -15.54 2.13 10.84
CA SER A 249 -14.57 1.06 11.05
C SER A 249 -13.28 1.55 11.70
N VAL A 250 -12.71 2.67 11.25
CA VAL A 250 -11.42 3.09 11.80
C VAL A 250 -11.50 3.39 13.28
N PRO A 251 -12.56 4.02 13.80
CA PRO A 251 -12.59 4.28 15.25
C PRO A 251 -12.59 3.03 16.11
N MET A 252 -12.93 1.88 15.54
CA MET A 252 -12.90 0.62 16.29
C MET A 252 -11.50 0.12 16.55
N LEU A 253 -10.52 0.56 15.75
CA LEU A 253 -9.17 0.06 15.90
C LEU A 253 -8.45 0.79 17.04
N PRO A 254 -7.43 0.19 17.61
CA PRO A 254 -6.64 0.92 18.63
C PRO A 254 -6.12 2.24 18.10
N ASP A 255 -6.39 3.31 18.86
CA ASP A 255 -6.01 4.65 18.40
C ASP A 255 -4.49 4.80 18.32
N ASP A 256 -3.74 4.12 19.19
CA ASP A 256 -2.32 4.38 19.35
C ASP A 256 -1.45 3.53 18.42
N LYS A 257 -2.04 2.87 17.45
CA LYS A 257 -1.28 2.12 16.45
C LYS A 257 -1.62 2.61 15.06
N PRO A 258 -0.71 2.40 14.09
CA PRO A 258 -1.00 2.82 12.71
C PRO A 258 -2.20 2.11 12.12
N HIS A 259 -2.92 2.85 11.25
CA HIS A 259 -4.09 2.38 10.53
C HIS A 259 -3.77 2.38 9.04
N TYR A 260 -3.87 1.22 8.40
CA TYR A 260 -3.38 1.00 7.04
C TYR A 260 -4.54 0.64 6.12
N LEU A 261 -4.76 1.45 5.07
CA LEU A 261 -5.79 1.16 4.07
C LEU A 261 -5.09 0.55 2.84
N MET A 262 -5.22 -0.76 2.69
CA MET A 262 -4.47 -1.48 1.67
C MET A 262 -5.05 -1.22 0.28
N GLY A 263 -4.18 -0.93 -0.68
CA GLY A 263 -4.60 -0.83 -2.08
C GLY A 263 -5.28 0.46 -2.48
N VAL A 264 -5.19 1.48 -1.65
CA VAL A 264 -5.77 2.80 -1.92
C VAL A 264 -4.63 3.80 -1.99
N GLY A 265 -4.62 4.67 -3.01
CA GLY A 265 -5.54 4.69 -4.13
C GLY A 265 -5.39 6.01 -4.88
N LYS A 266 -6.49 6.51 -5.44
CA LYS A 266 -6.49 7.80 -6.10
C LYS A 266 -6.22 8.92 -5.10
N PRO A 267 -5.62 10.04 -5.55
CA PRO A 267 -5.32 11.15 -4.61
C PRO A 267 -6.49 11.55 -3.74
N ASP A 268 -7.69 11.65 -4.31
CA ASP A 268 -8.83 12.06 -3.53
C ASP A 268 -9.28 10.97 -2.55
N ASP A 269 -9.08 9.69 -2.89
CA ASP A 269 -9.32 8.64 -1.92
C ASP A 269 -8.40 8.79 -0.72
N ILE A 270 -7.12 9.10 -0.96
CA ILE A 270 -6.14 9.21 0.12
C ILE A 270 -6.52 10.36 1.05
N VAL A 271 -6.87 11.52 0.48
CA VAL A 271 -7.21 12.67 1.31
C VAL A 271 -8.39 12.33 2.22
N GLY A 272 -9.44 11.74 1.65
CA GLY A 272 -10.62 11.42 2.44
C GLY A 272 -10.36 10.33 3.47
N ALA A 273 -9.50 9.36 3.15
CA ALA A 273 -9.15 8.33 4.11
C ALA A 273 -8.35 8.91 5.29
N VAL A 274 -7.45 9.86 5.02
CA VAL A 274 -6.74 10.53 6.12
C VAL A 274 -7.73 11.27 7.02
N GLU A 275 -8.71 11.96 6.41
CA GLU A 275 -9.75 12.64 7.17
C GLU A 275 -10.51 11.69 8.08
N ARG A 276 -10.47 10.38 7.79
CA ARG A 276 -11.17 9.36 8.56
C ARG A 276 -10.23 8.51 9.41
N GLY A 277 -8.95 8.88 9.52
CA GLY A 277 -8.03 8.26 10.46
C GLY A 277 -7.01 7.28 9.90
N ILE A 278 -6.80 7.23 8.61
CA ILE A 278 -5.83 6.32 8.01
C ILE A 278 -4.45 6.96 8.00
N ASP A 279 -3.44 6.13 8.30
CA ASP A 279 -2.05 6.56 8.37
C ASP A 279 -1.14 6.03 7.28
N MET A 280 -1.54 4.97 6.56
CA MET A 280 -0.67 4.30 5.60
C MET A 280 -1.47 3.84 4.39
N PHE A 281 -0.83 3.93 3.23
CA PHE A 281 -1.43 3.63 1.94
C PHE A 281 -0.40 2.94 1.04
N ASP A 282 -0.92 2.10 0.11
CA ASP A 282 -0.14 1.64 -1.04
C ASP A 282 -1.04 1.55 -2.26
N SER A 283 -0.46 1.73 -3.44
CA SER A 283 -1.25 1.59 -4.66
C SER A 283 -0.33 1.44 -5.86
N VAL A 284 -0.77 0.61 -6.83
CA VAL A 284 -0.09 0.53 -8.11
C VAL A 284 -0.47 1.66 -9.06
N LEU A 285 -1.41 2.52 -8.69
CA LEU A 285 -1.84 3.56 -9.63
C LEU A 285 -0.69 4.43 -10.14
N PRO A 286 0.16 5.02 -9.30
CA PRO A 286 1.15 5.96 -9.86
C PRO A 286 2.12 5.28 -10.81
N THR A 287 2.51 4.04 -10.52
CA THR A 287 3.42 3.31 -11.42
C THR A 287 2.69 2.77 -12.65
N ARG A 288 1.64 1.99 -12.44
N ARG A 288 1.68 1.93 -12.44
CA ARG A 288 0.93 1.39 -13.58
CA ARG A 288 0.95 1.32 -13.55
C ARG A 288 0.23 2.42 -14.44
C ARG A 288 0.36 2.38 -14.48
N SER A 289 -0.50 3.36 -13.83
N SER A 289 -0.45 3.30 -13.92
CA SER A 289 -1.12 4.41 -14.64
CA SER A 289 -1.09 4.27 -14.80
C SER A 289 -0.04 5.19 -15.37
C SER A 289 -0.06 5.25 -15.38
N GLY A 290 1.08 5.43 -14.71
CA GLY A 290 2.18 6.17 -15.33
C GLY A 290 2.67 5.53 -16.62
N ARG A 291 2.96 4.23 -16.56
CA ARG A 291 3.40 3.53 -17.77
C ARG A 291 2.35 3.58 -18.88
N ASN A 292 1.07 3.64 -18.53
N ASN A 292 1.07 3.65 -18.53
CA ASN A 292 -0.01 3.70 -19.52
CA ASN A 292 0.01 3.72 -19.52
C ASN A 292 -0.22 5.11 -20.07
C ASN A 292 -0.38 5.15 -19.88
N GLY A 293 0.45 6.13 -19.51
CA GLY A 293 0.31 7.49 -20.00
C GLY A 293 -0.51 8.45 -19.16
N GLN A 294 -0.91 8.08 -17.94
CA GLN A 294 -1.66 8.97 -17.07
C GLN A 294 -0.72 9.63 -16.06
N ALA A 295 -0.70 10.96 -16.05
CA ALA A 295 0.07 11.74 -15.08
C ALA A 295 -0.86 12.46 -14.12
N PHE A 296 -0.56 12.40 -12.84
CA PHE A 296 -1.30 13.13 -11.83
C PHE A 296 -0.76 14.55 -11.67
N THR A 297 -1.66 15.52 -11.64
CA THR A 297 -1.34 16.93 -11.44
C THR A 297 -2.29 17.51 -10.40
N TRP A 298 -1.96 18.70 -9.88
CA TRP A 298 -2.84 19.34 -8.91
C TRP A 298 -4.16 19.78 -9.56
N ASP A 299 -4.23 19.83 -10.89
CA ASP A 299 -5.44 20.16 -11.61
C ASP A 299 -6.15 18.91 -12.12
N GLY A 300 -5.84 17.74 -11.55
CA GLY A 300 -6.42 16.49 -11.97
C GLY A 300 -5.50 15.68 -12.88
N PRO A 301 -5.89 14.44 -13.16
CA PRO A 301 -5.05 13.60 -14.01
C PRO A 301 -5.13 14.05 -15.45
N ILE A 302 -4.04 13.86 -16.20
CA ILE A 302 -4.03 14.10 -17.64
C ILE A 302 -3.55 12.83 -18.34
N ASN A 303 -4.02 12.63 -19.57
CA ASN A 303 -3.56 11.54 -20.43
C ASN A 303 -2.56 12.14 -21.42
N ILE A 304 -1.27 11.87 -21.19
CA ILE A 304 -0.21 12.54 -21.96
C ILE A 304 -0.22 12.09 -23.41
N ARG A 305 -0.88 10.98 -23.73
N ARG A 305 -0.87 10.97 -23.73
CA ARG A 305 -0.99 10.54 -25.13
CA ARG A 305 -0.98 10.54 -25.13
C ARG A 305 -1.85 11.47 -25.96
C ARG A 305 -1.83 11.49 -25.96
N ASN A 306 -2.67 12.29 -25.31
CA ASN A 306 -3.62 13.13 -26.05
C ASN A 306 -2.88 14.11 -26.96
N ALA A 307 -3.40 14.25 -28.18
CA ALA A 307 -2.76 15.07 -29.20
C ALA A 307 -2.54 16.51 -28.74
N ARG A 308 -3.34 17.00 -27.79
CA ARG A 308 -3.15 18.39 -27.35
C ARG A 308 -1.82 18.63 -26.66
N PHE A 309 -1.11 17.59 -26.24
CA PHE A 309 0.18 17.78 -25.60
C PHE A 309 1.36 17.69 -26.57
N SER A 310 1.10 17.50 -27.88
CA SER A 310 2.21 17.17 -28.77
C SER A 310 3.20 18.32 -28.91
N GLU A 311 2.76 19.57 -28.71
CA GLU A 311 3.65 20.72 -28.78
C GLU A 311 3.62 21.55 -27.51
N ASP A 312 3.25 20.93 -26.38
CA ASP A 312 3.12 21.61 -25.10
C ASP A 312 4.47 21.61 -24.38
N LEU A 313 5.09 22.79 -24.25
CA LEU A 313 6.41 22.85 -23.64
C LEU A 313 6.40 22.93 -22.12
N LYS A 314 5.22 23.00 -21.49
CA LYS A 314 5.15 23.05 -20.04
C LYS A 314 5.51 21.70 -19.43
N PRO A 315 5.92 21.67 -18.18
CA PRO A 315 6.11 20.39 -17.49
C PRO A 315 4.77 19.70 -17.21
N LEU A 316 4.84 18.42 -16.87
CA LEU A 316 3.63 17.68 -16.51
C LEU A 316 2.76 18.47 -15.54
N ASP A 317 3.36 18.99 -14.47
CA ASP A 317 2.63 19.79 -13.50
C ASP A 317 3.40 21.08 -13.20
N SER A 318 2.66 22.18 -13.12
CA SER A 318 3.25 23.52 -13.04
C SER A 318 3.95 23.81 -11.71
N GLU A 319 3.64 23.07 -10.65
CA GLU A 319 4.23 23.31 -9.35
C GLU A 319 5.16 22.20 -8.87
N CYS A 320 5.02 21.01 -9.42
CA CYS A 320 5.77 19.85 -8.99
C CYS A 320 7.27 20.10 -8.93
C R1A A 321 10.22 18.65 -8.19
CA R1A A 321 9.33 19.80 -7.68
N R1A A 321 7.91 19.62 -7.85
CB R1A A 321 9.67 20.02 -6.20
SG R1A A 321 8.85 21.40 -5.48
SD R1A A 321 9.41 23.05 -6.62
CE R1A A 321 10.78 23.82 -5.81
C3 R1A A 321 11.99 22.99 -5.75
C2 R1A A 321 13.04 23.04 -6.85
C9 R1A A 321 12.50 22.60 -8.21
C8 R1A A 321 13.69 24.42 -6.97
C4 R1A A 321 12.31 22.12 -4.76
C5 R1A A 321 13.61 21.40 -4.97
C7 R1A A 321 14.66 21.72 -3.90
C6 R1A A 321 13.42 19.90 -5.10
N1 R1A A 321 14.09 22.03 -6.31
O1 R1A A 321 15.10 21.78 -6.83
O R1A A 321 11.44 18.62 -8.00
HA R1A A 321 9.63 20.69 -8.32
HB2 R1A A 321 10.77 20.21 -6.06
HB3 R1A A 321 9.39 19.13 -5.58
N CYS A 322 9.61 17.69 -8.87
CA CYS A 322 10.35 16.50 -9.25
C CYS A 322 11.33 16.79 -10.39
N ALA A 323 12.31 15.92 -10.54
CA ALA A 323 13.36 16.14 -11.53
C ALA A 323 12.82 16.09 -12.95
N VAL A 324 11.74 15.34 -13.18
CA VAL A 324 11.15 15.24 -14.52
C VAL A 324 10.58 16.58 -14.92
N CYS A 325 9.88 17.23 -13.99
CA CYS A 325 9.24 18.51 -14.30
C CYS A 325 10.26 19.64 -14.35
N GLN A 326 11.45 19.44 -13.76
N GLN A 326 11.45 19.46 -13.78
CA GLN A 326 12.54 20.40 -13.89
CA GLN A 326 12.52 20.43 -13.92
C GLN A 326 13.20 20.35 -15.25
C GLN A 326 13.15 20.38 -15.30
N LYS A 327 13.12 19.22 -15.96
CA LYS A 327 13.99 18.96 -17.10
C LYS A 327 13.28 18.68 -18.44
N TRP A 328 12.08 18.12 -18.45
CA TRP A 328 11.47 17.73 -19.73
C TRP A 328 10.03 18.23 -19.84
N SER A 329 9.61 18.43 -21.09
CA SER A 329 8.30 18.94 -21.44
C SER A 329 7.27 17.84 -21.59
N ARG A 330 6.00 18.24 -21.48
CA ARG A 330 4.89 17.39 -21.88
C ARG A 330 5.07 16.90 -23.30
N ALA A 331 5.52 17.79 -24.21
CA ALA A 331 5.66 17.39 -25.61
C ALA A 331 6.62 16.22 -25.76
N TYR A 332 7.75 16.26 -25.03
CA TYR A 332 8.73 15.17 -25.11
C TYR A 332 8.16 13.87 -24.55
N ILE A 333 7.55 13.95 -23.36
CA ILE A 333 7.00 12.74 -22.75
C ILE A 333 5.86 12.17 -23.59
N HIS A 334 5.04 13.04 -24.19
CA HIS A 334 4.01 12.62 -25.16
C HIS A 334 4.61 11.77 -26.27
N HIS A 335 5.70 12.25 -26.86
CA HIS A 335 6.40 11.50 -27.91
C HIS A 335 6.89 10.16 -27.39
N LEU A 336 7.55 10.15 -26.22
CA LEU A 336 8.10 8.90 -25.72
C LEU A 336 6.99 7.87 -25.50
N ILE A 337 5.87 8.28 -24.90
CA ILE A 337 4.82 7.29 -24.57
C ILE A 337 4.15 6.79 -25.85
N ARG A 338 3.90 7.69 -26.79
CA ARG A 338 3.34 7.29 -28.08
C ARG A 338 4.25 6.30 -28.80
N ALA A 339 5.55 6.48 -28.65
CA ALA A 339 6.52 5.64 -29.34
C ALA A 339 6.82 4.35 -28.58
N GLY A 340 6.27 4.16 -27.38
CA GLY A 340 6.56 2.95 -26.62
C GLY A 340 7.94 2.92 -26.01
N GLU A 341 8.55 4.08 -25.78
CA GLU A 341 9.92 4.14 -25.33
C GLU A 341 10.04 3.89 -23.83
N ILE A 342 11.05 3.13 -23.45
CA ILE A 342 11.25 2.86 -22.03
C ILE A 342 11.40 4.14 -21.22
N LEU A 343 12.09 5.15 -21.77
CA LEU A 343 12.26 6.40 -21.01
C LEU A 343 10.92 7.07 -20.72
N GLY A 344 9.90 6.84 -21.56
CA GLY A 344 8.59 7.39 -21.26
C GLY A 344 8.01 6.79 -19.99
N ALA A 345 8.14 5.48 -19.83
CA ALA A 345 7.70 4.83 -18.61
C ALA A 345 8.49 5.33 -17.40
N MET A 346 9.81 5.51 -17.58
CA MET A 346 10.68 5.97 -16.50
C MET A 346 10.26 7.35 -16.01
N LEU A 347 10.03 8.27 -16.94
CA LEU A 347 9.77 9.65 -16.55
C LEU A 347 8.38 9.80 -15.98
N MET A 348 7.39 9.15 -16.61
CA MET A 348 6.03 9.20 -16.09
C MET A 348 5.95 8.62 -14.69
N THR A 349 6.68 7.53 -14.44
CA THR A 349 6.61 6.88 -13.14
C THR A 349 7.27 7.74 -12.07
N GLU A 350 8.44 8.32 -12.39
CA GLU A 350 9.13 9.14 -11.40
C GLU A 350 8.28 10.34 -11.03
N HIS A 351 7.67 11.00 -12.02
CA HIS A 351 6.82 12.13 -11.71
C HIS A 351 5.64 11.69 -10.83
N ASN A 352 4.98 10.60 -11.20
CA ASN A 352 3.78 10.21 -10.45
C ASN A 352 4.11 9.85 -9.01
N ILE A 353 5.19 9.08 -8.78
CA ILE A 353 5.57 8.77 -7.40
C ILE A 353 5.94 10.03 -6.65
N ALA A 354 6.66 10.95 -7.31
CA ALA A 354 7.02 12.19 -6.63
C ALA A 354 5.80 13.03 -6.31
N PHE A 355 4.82 13.04 -7.22
CA PHE A 355 3.58 13.76 -6.97
C PHE A 355 2.89 13.20 -5.73
N TYR A 356 2.76 11.86 -5.67
CA TYR A 356 2.17 11.24 -4.50
C TYR A 356 2.93 11.60 -3.21
N GLN A 357 4.27 11.61 -3.25
CA GLN A 357 5.00 11.97 -2.04
C GLN A 357 4.79 13.44 -1.65
N GLN A 358 4.69 14.33 -2.63
CA GLN A 358 4.39 15.73 -2.34
C GLN A 358 2.99 15.88 -1.75
N LEU A 359 2.03 15.07 -2.22
CA LEU A 359 0.71 15.06 -1.61
C LEU A 359 0.79 14.64 -0.14
N MET A 360 1.51 13.57 0.16
CA MET A 360 1.60 13.16 1.56
C MET A 360 2.28 14.24 2.41
N GLN A 361 3.29 14.90 1.85
CA GLN A 361 3.98 15.96 2.61
C GLN A 361 3.04 17.12 2.93
N LYS A 362 2.24 17.55 1.95
CA LYS A 362 1.27 18.61 2.20
C LYS A 362 0.21 18.18 3.21
N ILE A 363 -0.16 16.90 3.20
CA ILE A 363 -1.10 16.39 4.19
C ILE A 363 -0.48 16.46 5.58
N ARG A 364 0.76 15.97 5.69
CA ARG A 364 1.44 15.98 6.98
C ARG A 364 1.62 17.39 7.53
N ASP A 365 2.04 18.32 6.68
CA ASP A 365 2.26 19.69 7.14
C ASP A 365 0.96 20.35 7.54
N SER A 366 -0.12 20.12 6.77
CA SER A 366 -1.37 20.80 7.10
C SER A 366 -1.96 20.25 8.40
N ILE A 367 -1.83 18.95 8.64
CA ILE A 367 -2.30 18.43 9.93
C ILE A 367 -1.48 19.06 11.07
N SER A 368 -0.14 19.11 10.90
CA SER A 368 0.70 19.66 11.96
C SER A 368 0.33 21.09 12.27
N GLU A 369 -0.19 21.81 11.28
CA GLU A 369 -0.54 23.22 11.43
C GLU A 369 -2.03 23.45 11.69
N GLY A 370 -2.81 22.39 11.83
CA GLY A 370 -4.22 22.56 12.14
C GLY A 370 -5.02 23.14 11.00
N ARG A 371 -4.59 22.92 9.75
CA ARG A 371 -5.31 23.45 8.60
C ARG A 371 -5.54 22.36 7.55
N PHE A 372 -5.62 21.11 7.98
CA PHE A 372 -5.85 20.02 7.03
C PHE A 372 -7.26 20.08 6.44
N SER A 373 -8.27 20.44 7.24
CA SER A 373 -9.61 20.50 6.68
C SER A 373 -9.66 21.49 5.53
N GLN A 374 -9.03 22.65 5.70
CA GLN A 374 -8.99 23.62 4.62
C GLN A 374 -8.19 23.08 3.44
N PHE A 375 -7.06 22.42 3.71
CA PHE A 375 -6.29 21.85 2.61
C PHE A 375 -7.13 20.86 1.81
N ALA A 376 -7.91 20.02 2.50
CA ALA A 376 -8.66 19.01 1.76
C ALA A 376 -9.71 19.67 0.87
N GLN A 377 -10.35 20.73 1.38
CA GLN A 377 -11.32 21.47 0.59
C GLN A 377 -10.67 22.13 -0.62
N ASP A 378 -9.54 22.81 -0.40
CA ASP A 378 -8.85 23.45 -1.50
C ASP A 378 -8.34 22.44 -2.51
N PHE A 379 -7.76 21.34 -2.02
CA PHE A 379 -7.29 20.30 -2.92
C PHE A 379 -8.40 19.83 -3.85
N ARG A 380 -9.57 19.53 -3.29
CA ARG A 380 -10.65 18.95 -4.09
C ARG A 380 -11.21 19.97 -5.07
N ALA A 381 -11.35 21.24 -4.65
CA ALA A 381 -11.84 22.25 -5.56
C ALA A 381 -10.97 22.34 -6.81
N ARG A 382 -9.66 22.32 -6.63
CA ARG A 382 -8.77 22.47 -7.77
C ARG A 382 -8.63 21.17 -8.56
N TYR A 383 -8.52 20.04 -7.87
CA TYR A 383 -8.30 18.75 -8.53
C TYR A 383 -9.49 18.38 -9.42
N PHE A 384 -10.71 18.77 -9.03
CA PHE A 384 -11.91 18.45 -9.78
C PHE A 384 -12.48 19.63 -10.55
N ALA A 385 -11.77 20.75 -10.65
CA ALA A 385 -12.29 21.92 -11.37
C ALA A 385 -12.70 21.54 -12.79
ZN ZN B . 6.88 16.23 -11.65
C1 GOL C . 17.86 3.53 -2.07
O1 GOL C . 18.83 2.96 -2.90
C2 GOL C . 18.37 3.32 -0.67
O2 GOL C . 18.66 1.97 -0.43
C3 GOL C . 17.26 3.89 0.21
O3 GOL C . 17.89 4.35 1.38
C1 GOL D . -2.77 -1.03 22.55
O1 GOL D . -2.79 -0.59 21.22
C2 GOL D . -1.26 -1.16 22.96
O2 GOL D . -0.62 0.07 22.98
C3 GOL D . -1.27 -1.87 24.31
O3 GOL D . 0.06 -2.03 24.71
C1 GOL E . -3.63 21.81 -3.42
O1 GOL E . -4.45 22.24 -4.45
C2 GOL E . -2.48 22.81 -3.38
O2 GOL E . -1.69 22.63 -2.26
C3 GOL E . -1.69 22.55 -4.67
O3 GOL E . -0.39 22.97 -4.41
CL CL F . 3.17 -1.24 -10.94
#